data_3U7X
#
_entry.id   3U7X
#
_cell.length_a   86.500
_cell.length_b   38.263
_cell.length_c   93.533
_cell.angle_alpha   90.000
_cell.angle_beta   97.970
_cell.angle_gamma   90.000
#
_symmetry.space_group_name_H-M   'P 1 21 1'
#
loop_
_entity.id
_entity.type
_entity.pdbx_description
1 polymer 'Eukaryotic translation initiation factor 4E'
2 polymer 'Eukaryotic translation initiation factor 4E-binding protein 1'
3 non-polymer 'SULFATE ION'
4 non-polymer 'UNKNOWN ATOM OR ION'
5 water water
#
loop_
_entity_poly.entity_id
_entity_poly.type
_entity_poly.pdbx_seq_one_letter_code
_entity_poly.pdbx_strand_id
1 'polypeptide(L)'
;MATVEPETTPTPNPPTTEEEKTESNQEVANPEHYIKHPLQNRWALWFFKNDKSKTWQANLRLISKFDTVEDFWALYNHIQ
LSSNLMPGCDYSLFKDGIEPMWEDEKNKRGGRWLITLNKQQRRSDLDRFWLETLLCLIGESFDDYSDDVCGAVVNVRAKG
DKIAIWTTECENREAVTHIGRVYKERLGLPPKIVIGYQSHADTATKSGSTTKNRFVV
;
A,B
2 'polypeptide(L)' PGGTRIIYDRKFLMECRNSP C,D
#
# COMPACT_ATOMS: atom_id res chain seq x y z
N PRO A 31 -17.67 0.01 -44.84
CA PRO A 31 -17.45 0.39 -43.46
C PRO A 31 -16.76 -0.71 -42.68
N GLU A 32 -17.34 -1.92 -42.69
CA GLU A 32 -16.66 -3.08 -42.09
C GLU A 32 -15.38 -3.48 -42.87
N HIS A 33 -15.22 -2.94 -44.08
CA HIS A 33 -14.03 -3.21 -44.87
C HIS A 33 -12.78 -2.39 -44.41
N TYR A 34 -12.98 -1.32 -43.61
CA TYR A 34 -11.88 -0.40 -43.27
C TYR A 34 -11.89 0.22 -41.87
N ILE A 35 -12.98 0.14 -41.09
CA ILE A 35 -12.97 0.72 -39.75
C ILE A 35 -12.42 -0.29 -38.74
N LYS A 36 -11.63 0.20 -37.81
CA LYS A 36 -11.24 -0.58 -36.66
C LYS A 36 -12.46 -0.84 -35.76
N HIS A 37 -12.41 -1.94 -35.03
CA HIS A 37 -13.51 -2.36 -34.17
C HIS A 37 -13.25 -1.82 -32.79
N PRO A 38 -13.95 -0.75 -32.39
CA PRO A 38 -13.67 -0.14 -31.09
C PRO A 38 -14.05 -1.05 -29.93
N LEU A 39 -13.30 -0.90 -28.84
CA LEU A 39 -13.58 -1.54 -27.58
C LEU A 39 -14.43 -0.60 -26.70
N GLN A 40 -15.24 -1.19 -25.85
CA GLN A 40 -16.02 -0.46 -24.86
C GLN A 40 -15.12 0.43 -24.02
N ASN A 41 -13.97 -0.10 -23.63
CA ASN A 41 -12.98 0.61 -22.82
C ASN A 41 -11.65 0.76 -23.51
N ARG A 42 -10.94 1.81 -23.11
CA ARG A 42 -9.52 1.94 -23.39
C ARG A 42 -8.72 1.25 -22.29
N TRP A 43 -7.72 0.47 -22.71
CA TRP A 43 -6.90 -0.35 -21.81
C TRP A 43 -5.42 0.00 -21.88
N ALA A 44 -4.70 -0.24 -20.78
CA ALA A 44 -3.27 -0.01 -20.68
C ALA A 44 -2.57 -1.31 -20.28
N LEU A 45 -1.58 -1.73 -21.06
CA LEU A 45 -0.75 -2.88 -20.71
C LEU A 45 0.52 -2.39 -19.99
N TRP A 46 0.76 -2.98 -18.82
CA TRP A 46 1.90 -2.67 -17.97
C TRP A 46 2.83 -3.88 -17.84
N PHE A 47 4.10 -3.63 -17.57
CA PHE A 47 5.10 -4.65 -17.30
C PHE A 47 5.85 -4.30 -16.02
N PHE A 48 6.12 -5.32 -15.21
CA PHE A 48 6.94 -5.19 -14.00
C PHE A 48 8.07 -6.27 -13.91
N LYS A 49 9.31 -5.84 -13.68
CA LYS A 49 10.45 -6.75 -13.40
C LYS A 49 10.85 -6.55 -11.95
N ASN A 50 10.75 -7.61 -11.14
CA ASN A 50 10.99 -7.53 -9.68
C ASN A 50 12.48 -7.40 -9.32
N ASP A 51 13.20 -6.57 -10.08
CA ASP A 51 14.61 -6.28 -9.82
C ASP A 51 14.74 -5.65 -8.44
N LYS A 52 15.25 -6.44 -7.48
CA LYS A 52 15.41 -5.99 -6.08
C LYS A 52 16.48 -4.91 -5.89
N SER A 53 17.32 -4.69 -6.92
CA SER A 53 18.33 -3.62 -6.94
C SER A 53 17.88 -2.35 -7.68
N LYS A 54 16.56 -2.14 -7.79
CA LYS A 54 15.96 -0.87 -8.26
C LYS A 54 14.60 -0.63 -7.59
N THR A 55 14.07 0.60 -7.72
CA THR A 55 12.79 0.98 -7.10
C THR A 55 11.59 0.33 -7.84
N TRP A 56 10.52 0.01 -7.11
CA TRP A 56 9.27 -0.51 -7.72
C TRP A 56 8.56 0.55 -8.59
N GLN A 57 9.07 1.78 -8.57
CA GLN A 57 8.65 2.85 -9.47
C GLN A 57 9.44 2.81 -10.80
N ALA A 58 10.77 2.67 -10.71
CA ALA A 58 11.63 2.47 -11.89
C ALA A 58 11.39 1.09 -12.57
N ASN A 59 10.85 0.14 -11.81
CA ASN A 59 10.60 -1.23 -12.28
C ASN A 59 9.26 -1.43 -13.00
N LEU A 60 8.23 -0.67 -12.61
CA LEU A 60 6.90 -0.73 -13.26
C LEU A 60 6.91 0.13 -14.52
N ARG A 61 6.14 -0.27 -15.52
CA ARG A 61 6.34 0.22 -16.88
C ARG A 61 5.09 0.10 -17.73
N LEU A 62 4.61 1.23 -18.24
CA LEU A 62 3.53 1.24 -19.22
C LEU A 62 4.11 0.75 -20.54
N ILE A 63 3.56 -0.33 -21.08
CA ILE A 63 3.99 -0.75 -22.40
C ILE A 63 3.21 0.08 -23.42
N SER A 64 1.89 0.06 -23.32
CA SER A 64 1.10 0.66 -24.36
C SER A 64 -0.37 0.69 -24.01
N LYS A 65 -1.09 1.59 -24.65
CA LYS A 65 -2.54 1.70 -24.48
C LYS A 65 -3.20 1.42 -25.81
N PHE A 66 -4.42 0.87 -25.78
CA PHE A 66 -5.18 0.57 -27.00
C PHE A 66 -6.68 0.65 -26.73
N ASP A 67 -7.46 0.86 -27.79
CA ASP A 67 -8.91 0.92 -27.67
C ASP A 67 -9.68 0.30 -28.83
N THR A 68 -8.99 -0.51 -29.64
CA THR A 68 -9.63 -1.28 -30.70
C THR A 68 -9.16 -2.74 -30.61
N VAL A 69 -9.93 -3.61 -31.24
CA VAL A 69 -9.58 -5.02 -31.31
C VAL A 69 -8.25 -5.25 -32.08
N GLU A 70 -8.11 -4.57 -33.22
CA GLU A 70 -6.90 -4.69 -34.06
C GLU A 70 -5.63 -4.20 -33.34
N ASP A 71 -5.73 -3.10 -32.60
CA ASP A 71 -4.59 -2.60 -31.80
C ASP A 71 -4.27 -3.53 -30.64
N PHE A 72 -5.29 -4.12 -30.03
CA PHE A 72 -5.03 -5.21 -29.08
C PHE A 72 -4.13 -6.31 -29.66
N TRP A 73 -4.55 -6.85 -30.81
CA TRP A 73 -3.78 -7.93 -31.46
C TRP A 73 -2.38 -7.51 -31.88
N ALA A 74 -2.21 -6.30 -32.41
CA ALA A 74 -0.87 -5.84 -32.78
C ALA A 74 0.08 -5.77 -31.56
N LEU A 75 -0.43 -5.31 -30.43
CA LEU A 75 0.34 -5.38 -29.18
C LEU A 75 0.66 -6.82 -28.74
N TYR A 76 -0.36 -7.66 -28.63
CA TYR A 76 -0.20 -9.04 -28.15
C TYR A 76 0.81 -9.85 -29.00
N ASN A 77 0.74 -9.69 -30.31
CA ASN A 77 1.63 -10.40 -31.24
C ASN A 77 3.10 -9.96 -31.17
N HIS A 78 3.34 -8.76 -30.64
CA HIS A 78 4.65 -8.10 -30.63
C HIS A 78 5.39 -8.46 -29.30
N ILE A 79 4.68 -9.02 -28.33
CA ILE A 79 5.24 -9.23 -26.98
C ILE A 79 5.32 -10.71 -26.55
N GLN A 80 6.26 -10.97 -25.66
CA GLN A 80 6.53 -12.31 -25.14
C GLN A 80 5.28 -12.90 -24.53
N LEU A 81 5.10 -14.20 -24.75
CA LEU A 81 4.13 -14.97 -24.00
C LEU A 81 4.61 -14.97 -22.55
N SER A 82 3.67 -14.90 -21.63
CA SER A 82 3.93 -14.96 -20.20
C SER A 82 4.85 -16.11 -19.81
N SER A 83 4.61 -17.26 -20.42
CA SER A 83 5.43 -18.45 -20.14
C SER A 83 6.92 -18.27 -20.52
N ASN A 84 7.23 -17.28 -21.34
CA ASN A 84 8.62 -16.99 -21.69
C ASN A 84 9.27 -15.82 -20.93
N LEU A 85 8.54 -15.17 -20.02
CA LEU A 85 9.14 -14.12 -19.17
C LEU A 85 10.01 -14.72 -18.08
N MET A 86 10.96 -13.93 -17.59
CA MET A 86 11.79 -14.41 -16.51
CA MET A 86 11.82 -14.33 -16.46
C MET A 86 11.00 -14.43 -15.19
N PRO A 87 11.32 -15.36 -14.29
CA PRO A 87 10.59 -15.39 -13.01
C PRO A 87 10.70 -14.05 -12.26
N GLY A 88 9.60 -13.59 -11.67
CA GLY A 88 9.57 -12.30 -10.99
C GLY A 88 8.92 -11.19 -11.81
N CYS A 89 8.53 -11.49 -13.06
CA CYS A 89 7.88 -10.53 -13.94
C CYS A 89 6.33 -10.60 -13.94
N ASP A 90 5.68 -9.46 -14.18
CA ASP A 90 4.20 -9.39 -14.35
C ASP A 90 3.79 -8.68 -15.64
N TYR A 91 2.70 -9.14 -16.24
CA TYR A 91 1.92 -8.28 -17.12
C TYR A 91 0.65 -7.92 -16.36
N SER A 92 0.17 -6.70 -16.59
CA SER A 92 -1.09 -6.22 -16.03
C SER A 92 -1.83 -5.47 -17.14
N LEU A 93 -3.09 -5.81 -17.34
CA LEU A 93 -3.96 -5.06 -18.25
C LEU A 93 -5.04 -4.39 -17.41
N PHE A 94 -5.03 -3.06 -17.37
CA PHE A 94 -6.00 -2.30 -16.57
C PHE A 94 -6.72 -1.26 -17.43
N LYS A 95 -7.98 -1.02 -17.11
CA LYS A 95 -8.70 0.10 -17.72
C LYS A 95 -7.88 1.39 -17.58
N ASP A 96 -7.91 2.20 -18.62
CA ASP A 96 -7.21 3.48 -18.62
C ASP A 96 -7.66 4.31 -17.41
N GLY A 97 -6.69 4.90 -16.72
CA GLY A 97 -6.94 5.65 -15.48
C GLY A 97 -6.85 4.86 -14.18
N ILE A 98 -6.69 3.53 -14.26
CA ILE A 98 -6.48 2.71 -13.05
C ILE A 98 -5.05 2.17 -13.09
N GLU A 99 -4.25 2.59 -12.11
CA GLU A 99 -2.92 2.02 -11.93
C GLU A 99 -3.04 0.57 -11.47
N PRO A 100 -2.10 -0.28 -11.91
CA PRO A 100 -2.14 -1.70 -11.60
C PRO A 100 -1.59 -1.95 -10.18
N MET A 101 -2.15 -1.24 -9.20
CA MET A 101 -1.68 -1.24 -7.81
C MET A 101 -2.91 -1.16 -6.91
N TRP A 102 -2.98 -2.00 -5.88
CA TRP A 102 -4.23 -2.19 -5.16
C TRP A 102 -4.69 -0.93 -4.41
N GLU A 103 -3.75 -0.06 -4.05
CA GLU A 103 -4.09 1.18 -3.36
C GLU A 103 -4.66 2.29 -4.25
N ASP A 104 -4.61 2.14 -5.58
CA ASP A 104 -5.38 2.98 -6.48
C ASP A 104 -6.81 3.12 -5.93
N GLU A 105 -7.36 4.34 -6.00
CA GLU A 105 -8.76 4.64 -5.66
C GLU A 105 -9.78 3.58 -6.16
N LYS A 106 -9.58 3.06 -7.37
CA LYS A 106 -10.52 2.11 -7.97
C LYS A 106 -10.28 0.63 -7.55
N ASN A 107 -9.13 0.33 -6.95
CA ASN A 107 -8.82 -1.00 -6.44
C ASN A 107 -8.89 -1.12 -4.89
N LYS A 108 -8.74 -0.02 -4.16
CA LYS A 108 -8.50 -0.11 -2.71
C LYS A 108 -9.60 -0.87 -1.94
N ARG A 109 -10.85 -0.77 -2.43
CA ARG A 109 -11.97 -1.45 -1.76
CA ARG A 109 -12.01 -1.42 -1.80
C ARG A 109 -12.31 -2.78 -2.42
N GLY A 110 -11.53 -3.15 -3.42
CA GLY A 110 -11.78 -4.32 -4.23
C GLY A 110 -10.98 -5.54 -3.84
N GLY A 111 -10.80 -6.41 -4.81
CA GLY A 111 -10.23 -7.71 -4.56
C GLY A 111 -10.02 -8.40 -5.89
N ARG A 112 -9.74 -9.70 -5.86
CA ARG A 112 -9.35 -10.39 -7.08
C ARG A 112 -9.80 -11.85 -7.02
N TRP A 113 -10.23 -12.35 -8.18
CA TRP A 113 -10.46 -13.75 -8.44
C TRP A 113 -9.11 -14.32 -8.83
N LEU A 114 -8.58 -15.21 -7.99
CA LEU A 114 -7.22 -15.73 -8.15
C LEU A 114 -7.21 -17.16 -8.72
N ILE A 115 -6.42 -17.34 -9.79
CA ILE A 115 -6.10 -18.64 -10.37
C ILE A 115 -4.64 -18.91 -10.06
N THR A 116 -4.37 -19.91 -9.23
CA THR A 116 -3.00 -20.34 -8.96
C THR A 116 -2.66 -21.55 -9.85
N LEU A 117 -1.43 -21.57 -10.35
CA LEU A 117 -0.98 -22.61 -11.25
C LEU A 117 0.29 -23.24 -10.70
N ASN A 118 0.44 -24.55 -10.86
CA ASN A 118 1.74 -25.18 -10.55
C ASN A 118 2.66 -25.11 -11.77
N LYS A 119 3.90 -25.54 -11.56
CA LYS A 119 4.95 -25.44 -12.58
C LYS A 119 4.60 -26.12 -13.92
N GLN A 120 3.84 -27.23 -13.85
CA GLN A 120 3.52 -27.96 -15.07
CA GLN A 120 3.41 -28.01 -15.04
C GLN A 120 2.43 -27.21 -15.87
N GLN A 121 1.53 -26.53 -15.17
CA GLN A 121 0.53 -25.66 -15.80
C GLN A 121 1.17 -24.42 -16.47
N ARG A 122 2.38 -24.02 -16.10
CA ARG A 122 3.08 -22.96 -16.86
C ARG A 122 3.12 -23.33 -18.35
N ARG A 123 3.42 -24.60 -18.58
CA ARG A 123 3.48 -25.16 -19.92
C ARG A 123 2.08 -25.38 -20.52
N SER A 124 1.15 -25.94 -19.76
CA SER A 124 -0.12 -26.38 -20.36
C SER A 124 -1.21 -25.31 -20.39
N ASP A 125 -1.26 -24.44 -19.38
CA ASP A 125 -2.41 -23.57 -19.18
C ASP A 125 -2.15 -22.06 -19.11
N LEU A 126 -0.94 -21.65 -18.73
CA LEU A 126 -0.69 -20.26 -18.41
C LEU A 126 -1.08 -19.31 -19.55
N ASP A 127 -0.50 -19.54 -20.72
CA ASP A 127 -0.67 -18.66 -21.87
C ASP A 127 -2.10 -18.66 -22.33
N ARG A 128 -2.72 -19.83 -22.39
CA ARG A 128 -4.12 -19.96 -22.83
CA ARG A 128 -4.11 -19.92 -22.85
C ARG A 128 -5.06 -19.28 -21.84
N PHE A 129 -4.82 -19.51 -20.55
CA PHE A 129 -5.64 -18.86 -19.50
C PHE A 129 -5.46 -17.32 -19.52
N TRP A 130 -4.22 -16.86 -19.70
CA TRP A 130 -3.96 -15.41 -19.75
C TRP A 130 -4.62 -14.76 -20.98
N LEU A 131 -4.50 -15.40 -22.16
CA LEU A 131 -5.21 -14.86 -23.34
C LEU A 131 -6.73 -14.81 -23.12
N GLU A 132 -7.29 -15.84 -22.51
CA GLU A 132 -8.74 -15.91 -22.25
C GLU A 132 -9.16 -14.78 -21.30
N THR A 133 -8.29 -14.50 -20.33
CA THR A 133 -8.51 -13.44 -19.37
C THR A 133 -8.53 -12.07 -20.08
N LEU A 134 -7.52 -11.82 -20.92
CA LEU A 134 -7.47 -10.59 -21.71
C LEU A 134 -8.76 -10.43 -22.53
N LEU A 135 -9.19 -11.51 -23.18
CA LEU A 135 -10.38 -11.48 -24.03
C LEU A 135 -11.67 -11.19 -23.27
N CYS A 136 -11.77 -11.71 -22.03
CA CYS A 136 -12.92 -11.43 -21.14
C CYS A 136 -13.00 -9.95 -20.74
N LEU A 137 -11.84 -9.34 -20.55
CA LEU A 137 -11.75 -7.93 -20.21
C LEU A 137 -12.13 -7.09 -21.42
N ILE A 138 -11.35 -7.22 -22.50
CA ILE A 138 -11.55 -6.36 -23.66
C ILE A 138 -12.92 -6.61 -24.29
N GLY A 139 -13.41 -7.85 -24.23
CA GLY A 139 -14.70 -8.19 -24.81
C GLY A 139 -15.91 -7.92 -23.92
N GLU A 140 -15.68 -7.40 -22.70
CA GLU A 140 -16.76 -7.09 -21.74
C GLU A 140 -17.66 -8.31 -21.51
N SER A 141 -17.04 -9.41 -21.14
CA SER A 141 -17.73 -10.73 -21.09
C SER A 141 -18.62 -10.96 -19.86
N PHE A 142 -18.70 -9.99 -18.96
CA PHE A 142 -19.49 -10.14 -17.74
C PHE A 142 -20.76 -9.27 -17.67
N ASP A 143 -21.31 -8.94 -18.84
CA ASP A 143 -22.59 -8.18 -18.95
C ASP A 143 -22.51 -6.83 -18.23
N ASP A 144 -23.56 -6.46 -17.49
CA ASP A 144 -23.60 -5.24 -16.66
C ASP A 144 -22.39 -5.13 -15.75
N TYR A 145 -21.95 -6.28 -15.27
CA TYR A 145 -20.95 -6.34 -14.24
C TYR A 145 -19.50 -6.21 -14.71
N SER A 146 -19.31 -6.14 -16.04
CA SER A 146 -17.98 -5.80 -16.59
C SER A 146 -17.47 -4.42 -16.12
N ASP A 147 -18.39 -3.52 -15.78
CA ASP A 147 -18.05 -2.21 -15.19
C ASP A 147 -17.30 -2.33 -13.83
N ASP A 148 -17.55 -3.40 -13.09
CA ASP A 148 -16.83 -3.65 -11.83
C ASP A 148 -15.35 -4.11 -12.02
N VAL A 149 -15.01 -4.62 -13.20
CA VAL A 149 -13.65 -5.07 -13.52
C VAL A 149 -12.71 -3.86 -13.61
N CYS A 150 -11.57 -3.96 -12.93
CA CYS A 150 -10.53 -2.96 -13.01
C CYS A 150 -9.44 -3.38 -13.98
N GLY A 151 -9.05 -4.65 -13.88
CA GLY A 151 -7.97 -5.16 -14.65
C GLY A 151 -7.66 -6.61 -14.39
N ALA A 152 -6.54 -7.07 -14.94
CA ALA A 152 -6.03 -8.38 -14.69
C ALA A 152 -4.52 -8.36 -14.59
N VAL A 153 -4.00 -9.34 -13.86
CA VAL A 153 -2.57 -9.50 -13.63
C VAL A 153 -2.13 -10.94 -13.81
N VAL A 154 -1.00 -11.13 -14.51
CA VAL A 154 -0.33 -12.41 -14.48
C VAL A 154 1.02 -12.26 -13.82
N ASN A 155 1.25 -13.08 -12.79
CA ASN A 155 2.55 -13.15 -12.13
C ASN A 155 3.32 -14.41 -12.56
N VAL A 156 4.51 -14.22 -13.13
CA VAL A 156 5.41 -15.35 -13.41
C VAL A 156 6.40 -15.52 -12.25
N ARG A 157 6.34 -16.68 -11.59
CA ARG A 157 7.08 -16.88 -10.33
C ARG A 157 7.69 -18.28 -10.27
N ALA A 158 8.88 -18.40 -9.69
CA ALA A 158 9.48 -19.72 -9.46
C ALA A 158 8.53 -20.61 -8.65
N LYS A 159 7.96 -20.08 -7.56
CA LYS A 159 7.11 -20.89 -6.66
C LYS A 159 5.66 -21.11 -7.12
N GLY A 160 5.29 -20.62 -8.32
CA GLY A 160 3.95 -20.84 -8.89
C GLY A 160 3.37 -19.61 -9.57
N ASP A 161 2.82 -19.78 -10.78
CA ASP A 161 2.28 -18.63 -11.51
C ASP A 161 0.88 -18.32 -11.04
N LYS A 162 0.49 -17.07 -11.19
CA LYS A 162 -0.84 -16.63 -10.81
C LYS A 162 -1.48 -15.79 -11.89
N ILE A 163 -2.77 -15.99 -12.11
CA ILE A 163 -3.58 -15.10 -12.91
C ILE A 163 -4.78 -14.62 -12.06
N ALA A 164 -5.14 -13.36 -12.19
CA ALA A 164 -6.22 -12.79 -11.40
C ALA A 164 -6.96 -11.70 -12.16
N ILE A 165 -8.26 -11.63 -11.93
CA ILE A 165 -9.07 -10.51 -12.37
C ILE A 165 -9.42 -9.71 -11.14
N TRP A 166 -8.98 -8.45 -11.13
CA TRP A 166 -9.20 -7.48 -10.08
C TRP A 166 -10.51 -6.75 -10.35
N THR A 167 -11.34 -6.62 -9.30
CA THR A 167 -12.58 -5.85 -9.39
C THR A 167 -12.64 -4.75 -8.30
N THR A 168 -13.58 -3.82 -8.46
CA THR A 168 -13.57 -2.52 -7.76
C THR A 168 -14.08 -2.55 -6.30
N GLU A 169 -15.02 -3.45 -6.01
CA GLU A 169 -15.73 -3.42 -4.73
C GLU A 169 -16.09 -4.84 -4.25
N CYS A 170 -15.42 -5.27 -3.17
N CYS A 170 -15.44 -5.28 -3.17
CA CYS A 170 -15.67 -6.58 -2.53
CA CYS A 170 -15.68 -6.63 -2.65
C CYS A 170 -17.11 -6.79 -2.10
C CYS A 170 -17.04 -6.80 -1.94
N GLU A 171 -17.77 -5.70 -1.73
CA GLU A 171 -19.13 -5.76 -1.21
C GLU A 171 -20.22 -5.70 -2.29
N ASN A 172 -19.83 -5.67 -3.56
CA ASN A 172 -20.75 -5.88 -4.68
C ASN A 172 -20.84 -7.38 -4.95
N ARG A 173 -21.70 -8.03 -4.18
CA ARG A 173 -21.77 -9.49 -4.14
C ARG A 173 -22.25 -10.06 -5.47
N GLU A 174 -23.31 -9.49 -6.04
CA GLU A 174 -23.81 -9.99 -7.32
C GLU A 174 -22.77 -9.83 -8.43
N ALA A 175 -22.09 -8.68 -8.48
CA ALA A 175 -21.09 -8.41 -9.50
C ALA A 175 -19.93 -9.40 -9.39
N VAL A 176 -19.37 -9.50 -8.19
CA VAL A 176 -18.21 -10.35 -7.94
C VAL A 176 -18.53 -11.81 -8.25
N THR A 177 -19.69 -12.27 -7.80
CA THR A 177 -20.20 -13.63 -8.09
C THR A 177 -20.40 -13.92 -9.58
N HIS A 178 -21.10 -13.03 -10.30
CA HIS A 178 -21.27 -13.22 -11.74
C HIS A 178 -19.96 -13.26 -12.53
N ILE A 179 -19.04 -12.34 -12.22
CA ILE A 179 -17.74 -12.30 -12.83
C ILE A 179 -17.01 -13.64 -12.58
N GLY A 180 -17.07 -14.14 -11.35
CA GLY A 180 -16.42 -15.38 -11.01
C GLY A 180 -16.99 -16.58 -11.76
N ARG A 181 -18.33 -16.68 -11.79
CA ARG A 181 -19.00 -17.78 -12.49
C ARG A 181 -18.69 -17.80 -14.00
N VAL A 182 -18.72 -16.64 -14.65
CA VAL A 182 -18.47 -16.57 -16.09
C VAL A 182 -16.98 -16.87 -16.41
N TYR A 183 -16.09 -16.37 -15.55
CA TYR A 183 -14.65 -16.50 -15.76
C TYR A 183 -14.24 -17.96 -15.62
N LYS A 184 -14.76 -18.60 -14.59
CA LYS A 184 -14.50 -20.01 -14.40
C LYS A 184 -14.90 -20.83 -15.62
N GLU A 185 -16.10 -20.57 -16.14
CA GLU A 185 -16.66 -21.26 -17.32
C GLU A 185 -15.84 -20.98 -18.59
N ARG A 186 -15.42 -19.74 -18.77
CA ARG A 186 -14.56 -19.34 -19.87
C ARG A 186 -13.17 -20.03 -19.86
N LEU A 187 -12.63 -20.28 -18.66
CA LEU A 187 -11.34 -20.97 -18.51
C LEU A 187 -11.50 -22.48 -18.70
N GLY A 188 -12.74 -22.96 -18.56
CA GLY A 188 -13.03 -24.39 -18.71
C GLY A 188 -12.67 -25.18 -17.45
N LEU A 189 -12.57 -24.52 -16.30
CA LEU A 189 -12.22 -25.25 -15.10
C LEU A 189 -13.40 -26.14 -14.71
N PRO A 190 -13.10 -27.39 -14.29
CA PRO A 190 -14.18 -28.28 -13.89
C PRO A 190 -14.78 -27.91 -12.53
N PRO A 191 -16.02 -28.35 -12.26
CA PRO A 191 -16.71 -28.07 -11.01
C PRO A 191 -15.93 -28.41 -9.73
N LYS A 192 -15.05 -29.41 -9.80
CA LYS A 192 -14.26 -29.84 -8.61
C LYS A 192 -13.17 -28.84 -8.20
N ILE A 193 -12.74 -28.00 -9.13
CA ILE A 193 -11.76 -26.94 -8.84
C ILE A 193 -12.49 -25.74 -8.24
N VAL A 194 -12.00 -25.25 -7.09
CA VAL A 194 -12.54 -24.08 -6.42
C VAL A 194 -11.52 -22.96 -6.61
N ILE A 195 -11.99 -21.81 -7.08
CA ILE A 195 -11.17 -20.62 -7.11
C ILE A 195 -11.75 -19.62 -6.09
N GLY A 196 -10.86 -18.88 -5.44
CA GLY A 196 -11.23 -17.92 -4.42
C GLY A 196 -11.13 -16.48 -4.89
N TYR A 197 -11.98 -15.64 -4.27
CA TYR A 197 -11.91 -14.21 -4.38
C TYR A 197 -11.39 -13.62 -3.08
N GLN A 198 -10.26 -12.93 -3.14
CA GLN A 198 -9.65 -12.33 -1.95
C GLN A 198 -9.64 -10.82 -2.06
N SER A 199 -10.02 -10.18 -0.95
CA SER A 199 -10.00 -8.74 -0.87
C SER A 199 -8.54 -8.29 -0.71
N HIS A 200 -8.19 -7.21 -1.41
CA HIS A 200 -6.84 -6.65 -1.34
C HIS A 200 -6.46 -6.26 0.08
N ALA A 201 -7.39 -5.62 0.80
CA ALA A 201 -7.10 -5.18 2.17
C ALA A 201 -6.82 -6.40 3.05
N ASP A 202 -7.65 -7.45 2.89
CA ASP A 202 -7.40 -8.72 3.61
C ASP A 202 -6.00 -9.27 3.31
N THR A 203 -5.61 -9.26 2.05
CA THR A 203 -4.31 -9.79 1.64
C THR A 203 -3.17 -8.98 2.28
N ALA A 204 -3.29 -7.65 2.23
CA ALA A 204 -2.32 -6.72 2.80
C ALA A 204 -2.20 -6.79 4.32
N THR A 205 -3.23 -7.28 5.01
CA THR A 205 -3.22 -7.25 6.46
C THR A 205 -3.46 -8.61 7.15
N LYS A 206 -3.39 -9.71 6.39
CA LYS A 206 -3.61 -11.07 6.92
C LYS A 206 -2.65 -11.42 8.06
N SER A 207 -3.21 -11.87 9.19
CA SER A 207 -2.42 -12.35 10.33
C SER A 207 -2.24 -13.86 10.20
N GLY A 208 -1.40 -14.28 9.24
CA GLY A 208 -1.13 -15.70 8.98
C GLY A 208 -0.51 -15.91 7.61
N SER A 209 -0.46 -17.17 7.16
CA SER A 209 0.11 -17.54 5.84
C SER A 209 -0.86 -17.37 4.67
N THR A 210 -2.03 -18.01 4.74
CA THR A 210 -3.05 -17.95 3.67
C THR A 210 -3.98 -16.72 3.80
N THR A 211 -4.49 -16.20 2.67
CA THR A 211 -5.56 -15.17 2.71
C THR A 211 -6.93 -15.85 2.57
N LYS A 212 -7.81 -15.58 3.51
CA LYS A 212 -9.21 -16.00 3.49
C LYS A 212 -9.96 -15.45 2.27
N ASN A 213 -10.97 -16.20 1.83
CA ASN A 213 -11.83 -15.79 0.70
C ASN A 213 -13.05 -15.00 1.17
N ARG A 214 -13.54 -14.12 0.30
CA ARG A 214 -14.85 -13.46 0.47
C ARG A 214 -15.92 -14.21 -0.34
N PHE A 215 -15.51 -14.87 -1.42
CA PHE A 215 -16.37 -15.65 -2.30
C PHE A 215 -15.52 -16.78 -2.86
N VAL A 216 -16.16 -17.88 -3.22
CA VAL A 216 -15.54 -18.95 -3.99
C VAL A 216 -16.46 -19.35 -5.18
N VAL A 217 -15.88 -19.87 -6.25
CA VAL A 217 -16.65 -20.42 -7.35
C VAL A 217 -16.01 -21.74 -7.84
N PRO B 31 33.32 6.77 33.66
CA PRO B 31 32.45 6.02 32.76
C PRO B 31 31.34 6.89 32.22
N GLU B 32 30.60 7.56 33.11
CA GLU B 32 29.67 8.60 32.65
C GLU B 32 30.42 9.81 32.07
N HIS B 33 31.70 9.90 32.39
CA HIS B 33 32.59 10.91 31.78
C HIS B 33 32.85 10.66 30.26
N TYR B 34 32.83 9.42 29.79
CA TYR B 34 33.24 9.17 28.38
C TYR B 34 32.35 8.25 27.55
N ILE B 35 31.37 7.57 28.13
CA ILE B 35 30.56 6.66 27.32
C ILE B 35 29.29 7.36 26.87
N LYS B 36 28.93 7.15 25.61
CA LYS B 36 27.67 7.60 25.10
C LYS B 36 26.55 6.89 25.86
N HIS B 37 25.38 7.52 25.87
CA HIS B 37 24.24 7.00 26.60
C HIS B 37 23.41 6.20 25.61
N PRO B 38 23.46 4.86 25.70
CA PRO B 38 22.77 4.05 24.69
C PRO B 38 21.24 4.17 24.70
N LEU B 39 20.60 3.98 23.55
CA LEU B 39 19.15 3.93 23.50
C LEU B 39 18.67 2.47 23.60
N GLN B 40 17.46 2.25 24.10
CA GLN B 40 16.88 0.91 24.09
C GLN B 40 16.85 0.38 22.64
N ASN B 41 16.47 1.25 21.70
CA ASN B 41 16.42 0.88 20.28
C ASN B 41 17.36 1.65 19.39
N ARG B 42 17.68 1.02 18.26
CA ARG B 42 18.30 1.71 17.15
C ARG B 42 17.20 2.30 16.27
N TRP B 43 17.35 3.57 15.89
CA TRP B 43 16.35 4.30 15.09
C TRP B 43 16.91 4.79 13.77
N ALA B 44 16.01 5.03 12.81
CA ALA B 44 16.36 5.52 11.48
C ALA B 44 15.46 6.72 11.17
N LEU B 45 16.08 7.84 10.78
CA LEU B 45 15.39 9.04 10.30
C LEU B 45 15.34 9.05 8.77
N TRP B 46 14.12 9.16 8.24
CA TRP B 46 13.84 9.22 6.83
C TRP B 46 13.28 10.61 6.44
N PHE B 47 13.46 10.96 5.18
CA PHE B 47 12.96 12.18 4.61
C PHE B 47 12.23 11.80 3.35
N PHE B 48 11.06 12.39 3.13
CA PHE B 48 10.34 12.22 1.88
C PHE B 48 10.00 13.59 1.30
N LYS B 49 10.24 13.72 -0.01
CA LYS B 49 10.05 14.97 -0.75
C LYS B 49 9.09 14.65 -1.86
N ASN B 50 7.89 15.21 -1.77
CA ASN B 50 6.81 14.86 -2.70
C ASN B 50 6.95 15.53 -4.08
N ASP B 51 8.14 15.40 -4.68
CA ASP B 51 8.38 15.82 -6.06
C ASP B 51 7.62 14.86 -7.00
N LYS B 52 6.46 15.33 -7.50
CA LYS B 52 5.56 14.50 -8.32
C LYS B 52 6.13 14.14 -9.71
N SER B 53 7.25 14.75 -10.10
CA SER B 53 7.97 14.42 -11.34
C SER B 53 9.20 13.50 -11.14
N LYS B 54 9.23 12.75 -10.03
CA LYS B 54 10.17 11.62 -9.82
C LYS B 54 9.43 10.51 -9.03
N THR B 55 10.04 9.32 -8.96
CA THR B 55 9.41 8.15 -8.32
C THR B 55 9.19 8.34 -6.80
N TRP B 56 8.07 7.83 -6.27
CA TRP B 56 7.80 7.86 -4.81
C TRP B 56 8.77 6.97 -4.04
N GLN B 57 9.40 6.04 -4.76
CA GLN B 57 10.55 5.27 -4.26
C GLN B 57 11.84 6.11 -4.38
N ALA B 58 12.00 6.81 -5.50
CA ALA B 58 13.12 7.76 -5.65
C ALA B 58 13.07 8.94 -4.65
N ASN B 59 11.88 9.22 -4.10
CA ASN B 59 11.65 10.41 -3.26
C ASN B 59 11.91 10.19 -1.75
N LEU B 60 11.85 8.92 -1.32
CA LEU B 60 12.01 8.54 0.09
C LEU B 60 13.50 8.26 0.35
N ARG B 61 14.03 8.80 1.44
CA ARG B 61 15.48 8.84 1.63
C ARG B 61 15.87 8.57 3.09
N LEU B 62 16.75 7.58 3.32
CA LEU B 62 17.32 7.38 4.65
C LEU B 62 18.30 8.52 4.92
N ILE B 63 18.09 9.25 6.01
CA ILE B 63 19.02 10.29 6.39
C ILE B 63 20.15 9.64 7.19
N SER B 64 19.79 8.96 8.26
CA SER B 64 20.80 8.45 9.16
C SER B 64 20.19 7.55 10.21
N LYS B 65 20.99 6.63 10.74
CA LYS B 65 20.59 5.82 11.87
C LYS B 65 21.40 6.19 13.10
N PHE B 66 20.80 6.01 14.29
CA PHE B 66 21.46 6.28 15.57
C PHE B 66 20.94 5.37 16.70
N ASP B 67 21.79 5.18 17.70
CA ASP B 67 21.44 4.32 18.84
C ASP B 67 21.94 4.84 20.21
N THR B 68 22.23 6.13 20.26
CA THR B 68 22.64 6.81 21.46
C THR B 68 21.95 8.18 21.53
N VAL B 69 21.83 8.67 22.75
CA VAL B 69 21.31 10.00 22.99
C VAL B 69 22.14 11.08 22.26
N GLU B 70 23.47 10.97 22.35
CA GLU B 70 24.38 11.96 21.79
C GLU B 70 24.29 12.03 20.26
N ASP B 71 24.16 10.86 19.62
CA ASP B 71 24.01 10.76 18.18
C ASP B 71 22.64 11.25 17.71
N PHE B 72 21.60 11.03 18.53
CA PHE B 72 20.31 11.66 18.27
C PHE B 72 20.44 13.16 18.12
N TRP B 73 20.95 13.81 19.15
CA TRP B 73 21.14 15.27 19.15
C TRP B 73 22.02 15.85 18.06
N ALA B 74 23.07 15.15 17.65
CA ALA B 74 23.92 15.65 16.57
C ALA B 74 23.18 15.56 15.23
N LEU B 75 22.33 14.57 15.06
CA LEU B 75 21.46 14.50 13.90
C LEU B 75 20.42 15.64 13.91
N TYR B 76 19.65 15.74 14.98
CA TYR B 76 18.61 16.76 15.15
C TYR B 76 19.13 18.19 14.98
N ASN B 77 20.30 18.50 15.56
CA ASN B 77 20.90 19.84 15.50
C ASN B 77 21.38 20.21 14.07
N HIS B 78 21.57 19.21 13.21
CA HIS B 78 22.15 19.40 11.86
C HIS B 78 21.03 19.53 10.76
N ILE B 79 19.78 19.26 11.12
CA ILE B 79 18.69 19.23 10.12
C ILE B 79 17.64 20.27 10.37
N GLN B 80 16.98 20.66 9.29
CA GLN B 80 15.91 21.64 9.31
C GLN B 80 14.81 21.27 10.30
N LEU B 81 14.32 22.29 10.99
CA LEU B 81 13.10 22.16 11.77
C LEU B 81 11.99 21.88 10.73
N SER B 82 11.06 21.04 11.12
CA SER B 82 9.89 20.69 10.33
C SER B 82 9.13 21.91 9.78
N SER B 83 9.01 22.92 10.63
CA SER B 83 8.38 24.20 10.24
C SER B 83 9.06 24.95 9.10
N ASN B 84 10.27 24.54 8.72
CA ASN B 84 11.02 25.16 7.62
C ASN B 84 11.11 24.31 6.35
N LEU B 85 10.53 23.10 6.38
CA LEU B 85 10.45 22.26 5.18
C LEU B 85 9.40 22.84 4.22
N MET B 86 9.60 22.60 2.94
CA MET B 86 8.63 22.94 1.88
CA MET B 86 8.60 23.02 1.97
C MET B 86 7.38 22.08 2.07
N PRO B 87 6.19 22.62 1.75
CA PRO B 87 4.98 21.77 1.83
C PRO B 87 5.10 20.51 0.93
N GLY B 88 4.64 19.36 1.41
CA GLY B 88 4.80 18.09 0.70
C GLY B 88 5.91 17.20 1.26
N CYS B 89 6.75 17.71 2.17
CA CYS B 89 7.82 16.93 2.80
C CYS B 89 7.41 16.24 4.10
N ASP B 90 8.04 15.10 4.40
CA ASP B 90 7.89 14.39 5.67
C ASP B 90 9.24 14.06 6.29
N TYR B 91 9.26 14.08 7.62
CA TYR B 91 10.26 13.32 8.38
C TYR B 91 9.56 12.09 8.99
N SER B 92 10.26 10.96 9.02
CA SER B 92 9.81 9.76 9.72
C SER B 92 10.94 9.17 10.54
N LEU B 93 10.67 8.96 11.83
CA LEU B 93 11.58 8.24 12.69
C LEU B 93 10.98 6.86 12.99
N PHE B 94 11.66 5.82 12.54
CA PHE B 94 11.21 4.47 12.79
C PHE B 94 12.28 3.59 13.39
N LYS B 95 11.86 2.60 14.16
CA LYS B 95 12.78 1.58 14.67
C LYS B 95 13.47 0.91 13.48
N ASP B 96 14.77 0.69 13.62
CA ASP B 96 15.56 0.01 12.62
C ASP B 96 14.94 -1.30 12.16
N GLY B 97 14.88 -1.50 10.85
CA GLY B 97 14.23 -2.67 10.27
C GLY B 97 12.72 -2.51 10.03
N ILE B 98 12.13 -1.38 10.42
CA ILE B 98 10.72 -1.06 10.04
C ILE B 98 10.75 0.11 9.05
N GLU B 99 10.28 -0.15 7.85
CA GLU B 99 10.19 0.90 6.86
C GLU B 99 9.03 1.82 7.21
N PRO B 100 9.16 3.13 6.93
CA PRO B 100 8.13 4.11 7.22
C PRO B 100 6.95 4.04 6.21
N MET B 101 6.40 2.84 6.06
CA MET B 101 5.38 2.56 5.09
C MET B 101 4.39 1.60 5.74
N TRP B 102 3.12 1.93 5.63
CA TRP B 102 2.10 1.22 6.38
C TRP B 102 2.04 -0.29 6.06
N GLU B 103 2.39 -0.66 4.83
CA GLU B 103 2.32 -2.06 4.38
C GLU B 103 3.50 -2.94 4.84
N ASP B 104 4.54 -2.33 5.41
CA ASP B 104 5.60 -3.07 6.11
C ASP B 104 4.94 -4.05 7.06
N GLU B 105 5.61 -5.19 7.24
CA GLU B 105 5.13 -6.28 8.10
C GLU B 105 4.71 -5.80 9.49
N LYS B 106 5.51 -4.92 10.13
CA LYS B 106 5.20 -4.45 11.48
C LYS B 106 4.19 -3.32 11.55
N ASN B 107 3.79 -2.77 10.39
CA ASN B 107 2.81 -1.68 10.34
C ASN B 107 1.42 -2.11 9.82
N LYS B 108 1.39 -3.11 8.94
CA LYS B 108 0.19 -3.46 8.20
C LYS B 108 -1.07 -3.73 9.04
N ARG B 109 -0.92 -4.31 10.25
CA ARG B 109 -2.05 -4.54 11.16
CA ARG B 109 -2.05 -4.56 11.16
C ARG B 109 -2.25 -3.39 12.14
N GLY B 110 -1.40 -2.38 12.05
CA GLY B 110 -1.35 -1.32 13.02
C GLY B 110 -2.16 -0.10 12.64
N GLY B 111 -1.74 1.03 13.18
CA GLY B 111 -2.51 2.26 13.06
C GLY B 111 -1.73 3.42 13.70
N ARG B 112 -2.35 4.57 13.83
CA ARG B 112 -1.62 5.77 14.28
C ARG B 112 -2.50 6.68 15.11
N TRP B 113 -1.93 7.19 16.20
CA TRP B 113 -2.43 8.36 16.93
C TRP B 113 -2.08 9.59 16.13
N LEU B 114 -3.11 10.30 15.66
CA LEU B 114 -2.93 11.43 14.76
C LEU B 114 -3.22 12.77 15.43
N ILE B 115 -2.27 13.70 15.31
CA ILE B 115 -2.44 15.09 15.72
C ILE B 115 -2.51 15.94 14.44
N THR B 116 -3.64 16.59 14.18
CA THR B 116 -3.71 17.48 13.02
C THR B 116 -3.55 18.95 13.49
N LEU B 117 -2.83 19.74 12.70
CA LEU B 117 -2.49 21.10 13.08
C LEU B 117 -2.95 22.06 11.98
N ASN B 118 -3.46 23.23 12.34
CA ASN B 118 -3.72 24.27 11.33
C ASN B 118 -2.50 25.21 11.15
N LYS B 119 -2.62 26.18 10.25
CA LYS B 119 -1.49 27.06 9.90
C LYS B 119 -0.88 27.86 11.09
N GLN B 120 -1.73 28.33 12.02
CA GLN B 120 -1.26 29.06 13.21
C GLN B 120 -0.40 28.16 14.09
N GLN B 121 -0.79 26.89 14.19
CA GLN B 121 -0.06 25.90 15.01
C GLN B 121 1.22 25.37 14.35
N ARG B 122 1.39 25.55 13.03
CA ARG B 122 2.73 25.34 12.44
C ARG B 122 3.80 26.22 13.15
N ARG B 123 3.45 27.49 13.29
CA ARG B 123 4.27 28.44 14.02
C ARG B 123 4.35 28.13 15.52
N SER B 124 3.24 27.87 16.18
CA SER B 124 3.25 27.80 17.64
C SER B 124 3.64 26.42 18.22
N ASP B 125 3.26 25.34 17.51
CA ASP B 125 3.29 23.98 18.10
C ASP B 125 4.06 22.90 17.31
N LEU B 126 4.20 23.05 16.01
CA LEU B 126 4.69 21.93 15.20
C LEU B 126 6.06 21.42 15.70
N ASP B 127 7.02 22.32 15.86
CA ASP B 127 8.39 21.92 16.17
C ASP B 127 8.48 21.38 17.59
N ARG B 128 7.78 21.98 18.53
CA ARG B 128 7.80 21.51 19.93
CA ARG B 128 7.84 21.50 19.92
C ARG B 128 7.14 20.13 20.03
N PHE B 129 6.01 19.96 19.37
CA PHE B 129 5.30 18.66 19.35
C PHE B 129 6.14 17.54 18.71
N TRP B 130 6.77 17.84 17.58
CA TRP B 130 7.65 16.91 16.91
C TRP B 130 8.86 16.55 17.77
N LEU B 131 9.51 17.52 18.42
CA LEU B 131 10.64 17.17 19.30
C LEU B 131 10.16 16.26 20.46
N GLU B 132 8.99 16.58 21.01
CA GLU B 132 8.43 15.79 22.11
C GLU B 132 8.11 14.35 21.70
N THR B 133 7.56 14.21 20.51
CA THR B 133 7.30 12.95 19.89
C THR B 133 8.60 12.13 19.74
N LEU B 134 9.62 12.71 19.14
CA LEU B 134 10.93 12.08 19.02
C LEU B 134 11.46 11.61 20.39
N LEU B 135 11.27 12.43 21.41
CA LEU B 135 11.79 12.14 22.74
C LEU B 135 11.03 11.00 23.42
N CYS B 136 9.71 10.96 23.20
CA CYS B 136 8.87 9.85 23.65
C CYS B 136 9.32 8.52 23.05
N LEU B 137 9.66 8.52 21.76
CA LEU B 137 10.14 7.34 21.05
C LEU B 137 11.50 6.85 21.57
N ILE B 138 12.52 7.69 21.44
CA ILE B 138 13.88 7.30 21.77
C ILE B 138 14.01 7.03 23.27
N GLY B 139 13.23 7.74 24.08
CA GLY B 139 13.27 7.57 25.51
C GLY B 139 12.39 6.48 26.06
N GLU B 140 11.63 5.78 25.21
CA GLU B 140 10.78 4.65 25.63
C GLU B 140 9.79 5.07 26.72
N SER B 141 9.01 6.09 26.42
CA SER B 141 8.18 6.78 27.43
C SER B 141 6.84 6.08 27.71
N PHE B 142 6.56 4.96 27.04
CA PHE B 142 5.28 4.29 27.17
C PHE B 142 5.38 2.97 27.92
N ASP B 143 6.39 2.86 28.79
CA ASP B 143 6.57 1.69 29.64
C ASP B 143 6.73 0.40 28.78
N ASP B 144 6.06 -0.68 29.19
CA ASP B 144 6.05 -1.95 28.45
C ASP B 144 5.47 -1.79 27.05
N TYR B 145 4.56 -0.84 26.89
CA TYR B 145 3.88 -0.66 25.62
C TYR B 145 4.72 0.05 24.56
N SER B 146 5.84 0.60 24.95
CA SER B 146 6.81 1.12 23.97
C SER B 146 7.24 0.11 22.88
N ASP B 147 7.10 -1.19 23.17
CA ASP B 147 7.34 -2.23 22.17
C ASP B 147 6.33 -2.21 21.01
N ASP B 148 5.10 -1.75 21.25
CA ASP B 148 4.10 -1.62 20.17
C ASP B 148 4.38 -0.46 19.20
N VAL B 149 5.20 0.50 19.62
CA VAL B 149 5.55 1.64 18.80
C VAL B 149 6.46 1.22 17.65
N CYS B 150 6.10 1.63 16.44
CA CYS B 150 6.90 1.40 15.22
C CYS B 150 7.72 2.63 14.86
N GLY B 151 7.07 3.79 14.92
CA GLY B 151 7.70 5.05 14.62
C GLY B 151 6.79 6.23 14.70
N ALA B 152 7.27 7.35 14.17
CA ALA B 152 6.50 8.58 14.09
C ALA B 152 6.69 9.26 12.74
N VAL B 153 5.72 10.05 12.31
CA VAL B 153 5.77 10.79 11.03
C VAL B 153 5.27 12.25 11.23
N VAL B 154 6.01 13.22 10.70
CA VAL B 154 5.50 14.57 10.59
C VAL B 154 5.34 14.89 9.10
N ASN B 155 4.11 15.23 8.71
CA ASN B 155 3.79 15.69 7.36
C ASN B 155 3.65 17.22 7.33
N VAL B 156 4.40 17.89 6.46
CA VAL B 156 4.27 19.33 6.25
C VAL B 156 3.40 19.56 5.01
N ARG B 157 2.24 20.16 5.20
CA ARG B 157 1.24 20.26 4.14
C ARG B 157 0.63 21.64 4.12
N ALA B 158 0.40 22.17 2.92
CA ALA B 158 -0.35 23.41 2.75
C ALA B 158 -1.68 23.34 3.50
N LYS B 159 -2.40 22.21 3.37
CA LYS B 159 -3.74 22.03 3.95
C LYS B 159 -3.80 21.85 5.49
N GLY B 160 -2.64 21.72 6.15
CA GLY B 160 -2.58 21.42 7.60
C GLY B 160 -1.49 20.40 7.91
N ASP B 161 -0.69 20.62 8.95
CA ASP B 161 0.40 19.70 9.22
C ASP B 161 -0.16 18.56 10.08
N LYS B 162 0.51 17.42 10.01
CA LYS B 162 0.12 16.27 10.81
C LYS B 162 1.34 15.67 11.46
N ILE B 163 1.19 15.27 12.72
CA ILE B 163 2.17 14.46 13.44
C ILE B 163 1.45 13.18 13.92
N ALA B 164 2.13 12.05 13.82
CA ALA B 164 1.52 10.78 14.25
C ALA B 164 2.53 9.85 14.85
N ILE B 165 2.11 9.16 15.91
CA ILE B 165 2.83 7.98 16.35
C ILE B 165 2.16 6.70 15.78
N TRP B 166 2.94 5.90 15.08
CA TRP B 166 2.48 4.63 14.48
C TRP B 166 2.79 3.45 15.42
N THR B 167 1.80 2.57 15.61
CA THR B 167 1.96 1.35 16.43
C THR B 167 1.60 0.09 15.64
N THR B 168 1.94 -1.07 16.19
CA THR B 168 2.04 -2.30 15.39
C THR B 168 0.74 -3.06 15.19
N GLU B 169 -0.23 -2.85 16.08
CA GLU B 169 -1.42 -3.70 16.12
C GLU B 169 -2.63 -2.93 16.67
N CYS B 170 -3.58 -2.61 15.80
N CYS B 170 -3.57 -2.61 15.78
CA CYS B 170 -4.73 -1.77 16.16
CA CYS B 170 -4.79 -1.85 16.11
C CYS B 170 -5.72 -2.45 17.13
C CYS B 170 -5.62 -2.44 17.23
N GLU B 171 -5.57 -3.77 17.34
CA GLU B 171 -6.41 -4.51 18.27
C GLU B 171 -5.81 -4.71 19.67
N ASN B 172 -4.57 -4.26 19.89
CA ASN B 172 -4.00 -4.18 21.24
C ASN B 172 -4.59 -2.95 21.97
N ARG B 173 -5.82 -3.11 22.45
CA ARG B 173 -6.60 -2.01 23.06
CA ARG B 173 -6.58 -2.01 23.04
C ARG B 173 -5.84 -1.34 24.22
N GLU B 174 -5.30 -2.13 25.14
CA GLU B 174 -4.57 -1.58 26.30
C GLU B 174 -3.31 -0.83 25.93
N ALA B 175 -2.46 -1.44 25.10
CA ALA B 175 -1.23 -0.80 24.65
C ALA B 175 -1.51 0.52 23.93
N VAL B 176 -2.45 0.49 23.00
CA VAL B 176 -2.82 1.65 22.20
C VAL B 176 -3.41 2.79 23.06
N THR B 177 -4.29 2.47 23.99
CA THR B 177 -4.86 3.49 24.88
CA THR B 177 -4.87 3.50 24.85
C THR B 177 -3.79 4.08 25.78
N HIS B 178 -2.91 3.23 26.31
CA HIS B 178 -1.78 3.71 27.13
C HIS B 178 -0.82 4.64 26.38
N ILE B 179 -0.45 4.28 25.15
CA ILE B 179 0.41 5.12 24.34
C ILE B 179 -0.27 6.48 24.08
N GLY B 180 -1.54 6.44 23.71
CA GLY B 180 -2.27 7.64 23.40
C GLY B 180 -2.36 8.59 24.58
N ARG B 181 -2.61 8.06 25.77
CA ARG B 181 -2.77 8.88 26.97
C ARG B 181 -1.47 9.54 27.43
N VAL B 182 -0.37 8.78 27.40
CA VAL B 182 0.94 9.32 27.78
C VAL B 182 1.39 10.40 26.76
N TYR B 183 1.29 10.07 25.48
CA TYR B 183 1.62 10.99 24.41
C TYR B 183 0.86 12.33 24.55
N LYS B 184 -0.46 12.25 24.72
CA LYS B 184 -1.29 13.43 24.94
C LYS B 184 -0.81 14.30 26.11
N GLU B 185 -0.47 13.64 27.22
CA GLU B 185 0.03 14.32 28.41
C GLU B 185 1.42 14.95 28.13
N ARG B 186 2.27 14.24 27.39
CA ARG B 186 3.60 14.74 27.04
C ARG B 186 3.59 15.90 26.04
N LEU B 187 2.65 15.86 25.08
CA LEU B 187 2.38 17.03 24.21
C LEU B 187 1.86 18.24 24.99
N GLY B 188 1.21 18.03 26.13
CA GLY B 188 0.64 19.15 26.90
C GLY B 188 -0.65 19.66 26.25
N LEU B 189 -1.34 18.80 25.51
CA LEU B 189 -2.62 19.19 24.91
C LEU B 189 -3.59 19.49 26.02
N PRO B 190 -4.45 20.52 25.86
CA PRO B 190 -5.52 20.65 26.83
C PRO B 190 -6.39 19.38 26.81
N PRO B 191 -6.83 18.92 28.00
CA PRO B 191 -7.62 17.69 28.15
C PRO B 191 -8.82 17.60 27.22
N LYS B 192 -9.52 18.73 27.05
CA LYS B 192 -10.70 18.80 26.17
C LYS B 192 -10.44 18.56 24.68
N ILE B 193 -9.19 18.68 24.24
CA ILE B 193 -8.80 18.38 22.87
C ILE B 193 -8.61 16.86 22.66
N VAL B 194 -9.55 16.25 21.94
CA VAL B 194 -9.55 14.80 21.70
C VAL B 194 -8.76 14.49 20.43
N ILE B 195 -7.88 13.51 20.52
CA ILE B 195 -7.19 12.96 19.37
C ILE B 195 -7.69 11.53 19.08
N GLY B 196 -7.60 11.12 17.82
CA GLY B 196 -8.04 9.83 17.36
C GLY B 196 -6.92 8.91 16.90
N TYR B 197 -7.20 7.60 16.99
CA TYR B 197 -6.31 6.54 16.53
C TYR B 197 -7.01 5.90 15.38
N GLN B 198 -6.39 5.93 14.21
CA GLN B 198 -6.99 5.36 13.01
C GLN B 198 -6.17 4.17 12.51
N SER B 199 -6.85 3.10 12.14
CA SER B 199 -6.21 1.94 11.55
C SER B 199 -5.70 2.28 10.14
N HIS B 200 -4.53 1.79 9.78
CA HIS B 200 -3.96 2.05 8.45
C HIS B 200 -4.85 1.45 7.36
N ALA B 201 -5.34 0.23 7.58
CA ALA B 201 -6.22 -0.46 6.61
C ALA B 201 -7.54 0.30 6.42
N ASP B 202 -8.17 0.74 7.52
CA ASP B 202 -9.35 1.68 7.43
C ASP B 202 -9.03 2.91 6.59
N THR B 203 -7.86 3.50 6.82
CA THR B 203 -7.47 4.74 6.14
C THR B 203 -7.26 4.51 4.66
N ALA B 204 -6.65 3.36 4.34
CA ALA B 204 -6.33 2.98 2.97
C ALA B 204 -7.56 2.54 2.18
N THR B 205 -8.65 2.19 2.87
CA THR B 205 -9.87 1.69 2.22
C THR B 205 -11.14 2.48 2.54
N LYS B 206 -10.98 3.65 3.16
CA LYS B 206 -12.13 4.49 3.55
C LYS B 206 -12.97 4.86 2.34
N SER B 207 -14.26 4.47 2.36
CA SER B 207 -15.22 4.86 1.31
C SER B 207 -15.92 6.14 1.74
N GLY B 208 -15.16 7.24 1.78
CA GLY B 208 -15.70 8.55 2.18
C GLY B 208 -14.59 9.54 2.50
N SER B 209 -14.98 10.75 2.92
CA SER B 209 -14.03 11.84 3.17
C SER B 209 -13.06 11.56 4.35
N THR B 210 -13.60 11.11 5.49
CA THR B 210 -12.79 10.88 6.71
C THR B 210 -12.57 9.38 7.08
N THR B 211 -11.61 9.08 7.97
CA THR B 211 -11.49 7.74 8.57
C THR B 211 -12.13 7.70 9.97
N LYS B 212 -12.71 6.55 10.34
CA LYS B 212 -13.26 6.36 11.68
CA LYS B 212 -13.26 6.33 11.68
C LYS B 212 -12.15 6.14 12.72
N ASN B 213 -12.39 6.58 13.95
CA ASN B 213 -11.43 6.37 15.04
C ASN B 213 -11.70 5.05 15.75
N ARG B 214 -10.66 4.21 15.87
CA ARG B 214 -10.77 2.99 16.69
C ARG B 214 -10.79 3.35 18.18
N PHE B 215 -10.00 4.35 18.55
CA PHE B 215 -9.90 4.80 19.93
C PHE B 215 -9.75 6.33 19.90
N VAL B 216 -10.07 6.96 21.01
CA VAL B 216 -9.82 8.38 21.21
C VAL B 216 -9.23 8.55 22.62
N VAL B 217 -8.42 9.60 22.82
CA VAL B 217 -7.94 10.01 24.16
C VAL B 217 -7.97 11.54 24.28
N THR C 4 -25.81 1.05 -26.45
CA THR C 4 -25.83 0.06 -25.34
C THR C 4 -24.36 -0.15 -24.89
N ARG C 5 -23.93 -1.41 -24.77
CA ARG C 5 -22.54 -1.73 -24.45
C ARG C 5 -21.87 -2.54 -25.60
N ILE C 6 -20.59 -2.26 -25.87
CA ILE C 6 -19.82 -2.98 -26.92
C ILE C 6 -19.24 -4.30 -26.38
N ILE C 7 -19.93 -5.39 -26.70
CA ILE C 7 -19.55 -6.73 -26.26
C ILE C 7 -19.04 -7.55 -27.48
N TYR C 8 -17.88 -8.20 -27.31
CA TYR C 8 -17.34 -9.12 -28.32
C TYR C 8 -17.19 -10.50 -27.69
N ASP C 9 -17.82 -11.51 -28.31
CA ASP C 9 -17.62 -12.89 -27.89
C ASP C 9 -16.27 -13.41 -28.40
N ARG C 10 -15.83 -14.52 -27.81
CA ARG C 10 -14.52 -15.11 -28.06
C ARG C 10 -14.25 -15.38 -29.56
N LYS C 11 -15.23 -15.97 -30.24
CA LYS C 11 -15.08 -16.35 -31.66
C LYS C 11 -14.73 -15.13 -32.53
N PHE C 12 -15.46 -14.02 -32.32
CA PHE C 12 -15.23 -12.79 -33.08
C PHE C 12 -13.82 -12.24 -32.85
N LEU C 13 -13.45 -12.11 -31.58
CA LEU C 13 -12.14 -11.54 -31.20
C LEU C 13 -11.00 -12.38 -31.78
N MET C 14 -11.21 -13.69 -31.93
CA MET C 14 -10.22 -14.58 -32.56
C MET C 14 -10.15 -14.37 -34.08
N GLU C 15 -11.30 -14.13 -34.72
CA GLU C 15 -11.36 -13.93 -36.18
C GLU C 15 -10.69 -12.60 -36.66
N CYS C 16 -10.48 -11.65 -35.74
CA CYS C 16 -9.74 -10.38 -36.02
C CYS C 16 -8.20 -10.51 -35.86
N ARG C 17 -7.70 -11.67 -35.42
CA ARG C 17 -6.25 -11.94 -35.33
C ARG C 17 -5.76 -12.62 -36.62
N THR D 4 16.60 -4.76 32.25
CA THR D 4 15.22 -4.22 32.03
C THR D 4 15.17 -3.39 30.72
N ARG D 5 14.50 -2.24 30.75
CA ARG D 5 14.42 -1.36 29.58
C ARG D 5 15.28 -0.09 29.79
N ILE D 6 15.84 0.46 28.71
CA ILE D 6 16.52 1.76 28.81
C ILE D 6 15.51 2.88 28.56
N ILE D 7 15.10 3.53 29.65
CA ILE D 7 14.10 4.60 29.67
C ILE D 7 14.79 5.91 30.06
N TYR D 8 14.61 6.96 29.27
CA TYR D 8 15.13 8.29 29.60
C TYR D 8 13.95 9.26 29.62
N ASP D 9 13.82 9.99 30.73
CA ASP D 9 12.76 10.98 30.86
C ASP D 9 13.21 12.24 30.12
N ARG D 10 12.24 13.09 29.79
CA ARG D 10 12.48 14.34 29.06
C ARG D 10 13.64 15.20 29.61
N LYS D 11 13.67 15.40 30.93
CA LYS D 11 14.67 16.25 31.60
C LYS D 11 16.10 15.82 31.29
N PHE D 12 16.36 14.50 31.39
CA PHE D 12 17.67 13.92 31.11
C PHE D 12 18.11 14.12 29.66
N LEU D 13 17.19 13.80 28.74
CA LEU D 13 17.44 13.93 27.30
C LEU D 13 17.77 15.40 26.91
N MET D 14 17.14 16.36 27.58
CA MET D 14 17.43 17.80 27.34
C MET D 14 18.77 18.23 27.96
N GLU D 15 19.24 17.51 28.98
CA GLU D 15 20.49 17.84 29.68
C GLU D 15 21.73 17.43 28.86
N CYS D 16 21.61 17.49 27.53
CA CYS D 16 22.69 17.13 26.60
C CYS D 16 22.72 18.04 25.34
N ARG D 17 21.63 18.02 24.58
CA ARG D 17 21.54 18.67 23.25
CA ARG D 17 21.54 18.71 23.28
C ARG D 17 22.90 18.83 22.57
#